data_7IB6
#
_entry.id   7IB6
#
_cell.length_a   42.740
_cell.length_b   42.740
_cell.length_c   216.660
_cell.angle_alpha   90.00
_cell.angle_beta   90.00
_cell.angle_gamma   90.00
#
_symmetry.space_group_name_H-M   'P 43 2 2'
#
loop_
_entity.id
_entity.type
_entity.pdbx_description
1 polymer 'NS2B co-factor'
2 polymer 'NS3 protease'
3 non-polymer N-methyl-2,3-dihydro-1H-inden-2-amine
4 water water
#
loop_
_entity_poly.entity_id
_entity_poly.type
_entity_poly.pdbx_seq_one_letter_code
_entity_poly.pdbx_strand_id
1 'polypeptide(L)' MTGKSVDMYIERAGDITWEKDAEVTGNSPRLDVALDESGDFSLVEEDGPPMRE A
2 'polypeptide(L)'
;GALWDVPAPKEVKKGETTDGVYRVMTRRLLGSTQVGVGVMQEGVFHTMWHVTKGAALRSGEGRLDPYWGDVKQDLVSYCG
PWKLDAAWDGLSEVQLLAVPPGERAKNIQTLPGIFKTKDGDIGAVALDYPAGTSGSPILDKSGRVIGLYGNGVVIKNGSY
VSAITQGKREEETPVE
;
B
#
# COMPACT_ATOMS: atom_id res chain seq x y z
N ASP A 7 9.28 16.71 -8.70
CA ASP A 7 8.58 17.23 -7.54
C ASP A 7 7.13 16.69 -7.50
N MET A 8 6.84 16.08 -6.37
CA MET A 8 5.70 15.17 -6.17
C MET A 8 4.62 15.88 -5.38
N TYR A 9 3.36 15.58 -5.71
CA TYR A 9 2.24 16.19 -5.01
C TYR A 9 1.14 15.15 -4.83
N ILE A 10 0.28 15.39 -3.85
CA ILE A 10 -0.79 14.45 -3.51
C ILE A 10 -2.16 15.06 -3.77
N GLU A 11 -3.11 14.19 -4.10
CA GLU A 11 -4.45 14.58 -4.52
C GLU A 11 -5.41 13.61 -3.87
N ARG A 12 -6.39 14.10 -3.13
CA ARG A 12 -7.31 13.19 -2.45
C ARG A 12 -8.17 12.42 -3.45
N ALA A 13 -8.34 11.11 -3.17
CA ALA A 13 -9.14 10.22 -4.02
C ALA A 13 -10.34 9.59 -3.33
N GLY A 14 -10.43 9.61 -2.02
CA GLY A 14 -11.63 9.13 -1.36
C GLY A 14 -11.44 8.94 0.12
N ASP A 15 -12.54 8.49 0.75
CA ASP A 15 -12.56 7.99 2.11
C ASP A 15 -12.04 6.57 2.15
N ILE A 16 -11.57 6.15 3.32
CA ILE A 16 -11.13 4.78 3.56
C ILE A 16 -12.25 4.08 4.30
N THR A 17 -13.05 3.32 3.55
CA THR A 17 -14.21 2.63 4.11
C THR A 17 -14.35 1.26 3.48
N TRP A 18 -14.88 0.34 4.26
CA TRP A 18 -15.28 -0.98 3.74
C TRP A 18 -16.56 -0.85 2.90
N GLU A 19 -16.56 -1.46 1.70
CA GLU A 19 -17.72 -1.40 0.81
C GLU A 19 -18.51 -2.71 0.87
N LYS A 20 -19.80 -2.61 1.22
CA LYS A 20 -20.54 -3.80 1.64
C LYS A 20 -20.70 -4.79 0.50
N ASP A 21 -20.89 -4.31 -0.71
CA ASP A 21 -21.17 -5.22 -1.83
C ASP A 21 -20.03 -5.23 -2.83
N ALA A 22 -18.80 -5.10 -2.33
CA ALA A 22 -17.64 -5.08 -3.21
C ALA A 22 -17.53 -6.37 -4.02
N GLU A 23 -16.92 -6.25 -5.18
CA GLU A 23 -16.53 -7.42 -5.96
C GLU A 23 -15.55 -8.25 -5.17
N VAL A 24 -15.67 -9.58 -5.26
CA VAL A 24 -14.76 -10.51 -4.60
C VAL A 24 -13.94 -11.24 -5.65
N THR A 25 -12.63 -11.33 -5.45
CA THR A 25 -11.81 -12.08 -6.40
C THR A 25 -10.43 -12.31 -5.80
N GLY A 26 -9.60 -13.06 -6.53
CA GLY A 26 -8.26 -13.36 -6.05
C GLY A 26 -8.23 -14.65 -5.26
N ASN A 27 -7.15 -15.42 -5.36
CA ASN A 27 -7.05 -16.61 -4.56
C ASN A 27 -6.11 -16.34 -3.38
N SER A 28 -5.63 -17.39 -2.70
CA SER A 28 -5.00 -17.25 -1.39
C SER A 28 -3.75 -18.11 -1.31
N PRO A 29 -2.71 -17.76 -2.07
CA PRO A 29 -1.53 -18.64 -2.15
C PRO A 29 -0.71 -18.60 -0.87
N ARG A 30 -0.16 -19.76 -0.52
CA ARG A 30 0.80 -19.88 0.59
C ARG A 30 2.18 -20.07 -0.04
N LEU A 31 3.06 -19.08 0.16
CA LEU A 31 4.33 -19.02 -0.55
C LEU A 31 5.48 -18.83 0.43
N ASP A 32 6.56 -19.58 0.20
CA ASP A 32 7.83 -19.34 0.87
C ASP A 32 8.57 -18.21 0.18
N VAL A 33 8.88 -17.15 0.92
CA VAL A 33 9.56 -15.99 0.34
C VAL A 33 10.71 -15.55 1.25
N ALA A 34 11.61 -14.78 0.66
CA ALA A 34 12.74 -14.16 1.37
C ALA A 34 12.73 -12.66 1.07
N LEU A 35 13.10 -11.88 2.07
CA LEU A 35 13.10 -10.42 1.96
C LEU A 35 14.54 -9.98 2.13
N ASP A 36 15.09 -9.30 1.12
CA ASP A 36 16.49 -8.91 1.17
C ASP A 36 16.64 -7.50 1.74
N GLU A 37 17.90 -7.11 1.99
CA GLU A 37 18.18 -5.85 2.67
C GLU A 37 17.66 -4.66 1.85
N SER A 38 17.47 -4.85 0.54
CA SER A 38 16.90 -3.81 -0.31
C SER A 38 15.38 -3.75 -0.27
N GLY A 39 14.73 -4.59 0.53
CA GLY A 39 13.29 -4.56 0.58
C GLY A 39 12.60 -5.24 -0.56
N ASP A 40 13.30 -6.13 -1.27
CA ASP A 40 12.71 -6.91 -2.36
C ASP A 40 12.41 -8.32 -1.90
N PHE A 41 11.20 -8.80 -2.21
CA PHE A 41 10.79 -10.17 -1.94
C PHE A 41 11.22 -11.07 -3.08
N SER A 42 11.60 -12.30 -2.77
CA SER A 42 11.82 -13.29 -3.81
C SER A 42 11.26 -14.62 -3.33
N LEU A 43 10.95 -15.50 -4.31
CA LEU A 43 10.51 -16.86 -4.03
C LEU A 43 11.69 -17.74 -3.60
N VAL A 44 11.41 -18.66 -2.70
CA VAL A 44 12.46 -19.53 -2.18
C VAL A 44 12.46 -20.85 -2.94
N THR B 17 -5.19 17.96 3.94
CA THR B 17 -4.89 17.23 5.17
C THR B 17 -6.01 16.34 5.73
N THR B 18 -7.17 16.33 5.08
CA THR B 18 -8.25 15.45 5.51
C THR B 18 -7.83 13.99 5.47
N ASP B 19 -8.32 13.21 6.44
CA ASP B 19 -8.10 11.76 6.39
C ASP B 19 -8.59 11.23 5.05
N GLY B 20 -7.93 10.20 4.56
CA GLY B 20 -8.41 9.51 3.38
C GLY B 20 -7.27 8.96 2.55
N VAL B 21 -7.63 8.47 1.34
CA VAL B 21 -6.67 7.87 0.43
C VAL B 21 -6.33 8.89 -0.66
N TYR B 22 -5.03 8.99 -0.99
CA TYR B 22 -4.54 10.04 -1.88
C TYR B 22 -3.67 9.45 -2.98
N ARG B 23 -3.77 10.04 -4.19
CA ARG B 23 -2.82 9.73 -5.25
C ARG B 23 -1.51 10.50 -5.03
N VAL B 24 -0.38 9.88 -5.35
CA VAL B 24 0.92 10.53 -5.38
C VAL B 24 1.31 10.74 -6.84
N MET B 25 1.41 12.01 -7.25
CA MET B 25 1.60 12.43 -8.62
C MET B 25 2.96 13.13 -8.82
N THR B 26 3.47 13.08 -10.05
CA THR B 26 4.60 13.92 -10.43
C THR B 26 4.34 14.51 -11.80
N ARG B 27 4.85 15.72 -12.02
CA ARG B 27 4.82 16.32 -13.35
C ARG B 27 6.20 16.37 -14.01
N ARG B 28 7.18 15.68 -13.46
CA ARG B 28 8.52 15.74 -14.04
C ARG B 28 8.66 14.81 -15.24
N LEU B 29 7.65 14.00 -15.52
CA LEU B 29 7.63 13.17 -16.71
C LEU B 29 6.66 13.79 -17.72
N LEU B 30 6.34 13.03 -18.75
CA LEU B 30 5.36 13.49 -19.72
C LEU B 30 3.98 13.59 -19.06
N GLY B 31 3.37 14.78 -19.14
CA GLY B 31 2.07 15.00 -18.53
C GLY B 31 2.14 14.90 -17.01
N SER B 32 1.03 14.48 -16.42
CA SER B 32 0.94 14.18 -15.00
C SER B 32 0.86 12.68 -14.82
N THR B 33 1.74 12.14 -14.00
CA THR B 33 1.91 10.71 -13.84
C THR B 33 1.69 10.31 -12.40
N GLN B 34 0.91 9.26 -12.19
CA GLN B 34 0.70 8.72 -10.85
C GLN B 34 1.79 7.70 -10.53
N VAL B 35 2.65 8.04 -9.56
CA VAL B 35 3.69 7.13 -9.12
C VAL B 35 3.26 6.26 -7.95
N GLY B 36 2.19 6.62 -7.24
CA GLY B 36 1.68 5.75 -6.20
C GLY B 36 0.50 6.35 -5.50
N VAL B 37 0.25 5.84 -4.29
CA VAL B 37 -0.93 6.12 -3.48
C VAL B 37 -0.48 6.15 -2.01
N GLY B 38 -1.26 6.81 -1.17
CA GLY B 38 -1.04 6.66 0.25
C GLY B 38 -2.22 7.06 1.11
N VAL B 39 -1.99 7.00 2.42
CA VAL B 39 -3.04 7.10 3.43
C VAL B 39 -2.74 8.27 4.35
N MET B 40 -3.70 9.19 4.49
CA MET B 40 -3.62 10.27 5.47
C MET B 40 -4.47 9.84 6.66
N GLN B 41 -3.84 9.74 7.84
CA GLN B 41 -4.54 9.39 9.06
C GLN B 41 -3.85 10.10 10.21
N GLU B 42 -4.63 10.78 11.03
CA GLU B 42 -4.11 11.44 12.24
C GLU B 42 -2.99 12.43 11.90
N GLY B 43 -3.15 13.14 10.78
CA GLY B 43 -2.20 14.17 10.36
C GLY B 43 -0.91 13.66 9.75
N VAL B 44 -0.80 12.35 9.54
CA VAL B 44 0.40 11.71 9.01
C VAL B 44 0.06 11.07 7.67
N PHE B 45 0.93 11.26 6.69
CA PHE B 45 0.79 10.64 5.38
C PHE B 45 1.69 9.42 5.30
N HIS B 46 1.12 8.30 4.86
CA HIS B 46 1.76 6.99 4.88
C HIS B 46 1.81 6.46 3.47
N THR B 47 3.00 6.08 2.97
CA THR B 47 3.08 5.43 1.65
C THR B 47 4.25 4.46 1.66
N MET B 48 4.54 3.88 0.49
CA MET B 48 5.65 2.93 0.38
C MET B 48 6.89 3.70 -0.03
N TRP B 49 8.04 3.28 0.51
CA TRP B 49 9.28 4.03 0.24
CA TRP B 49 9.28 4.01 0.24
C TRP B 49 9.57 4.08 -1.26
N HIS B 50 9.36 2.97 -1.96
CA HIS B 50 9.71 2.91 -3.38
C HIS B 50 8.88 3.87 -4.21
N VAL B 51 7.78 4.38 -3.66
CA VAL B 51 6.97 5.35 -4.39
C VAL B 51 7.66 6.72 -4.42
N THR B 52 8.11 7.22 -3.25
CA THR B 52 8.67 8.56 -3.13
C THR B 52 10.20 8.60 -3.01
N LYS B 53 10.84 7.48 -2.70
CA LYS B 53 12.28 7.45 -2.39
C LYS B 53 12.64 8.43 -1.26
N GLY B 54 11.66 8.72 -0.41
CA GLY B 54 11.87 9.59 0.73
C GLY B 54 11.90 11.07 0.42
N ALA B 55 11.42 11.49 -0.74
CA ALA B 55 11.41 12.88 -1.13
C ALA B 55 10.27 13.62 -0.44
N ALA B 56 10.42 14.94 -0.33
CA ALA B 56 9.33 15.76 0.16
C ALA B 56 8.16 15.75 -0.82
N LEU B 57 6.97 16.08 -0.30
CA LEU B 57 5.74 16.09 -1.07
C LEU B 57 5.03 17.43 -0.94
N ARG B 58 4.31 17.80 -1.97
CA ARG B 58 3.46 18.98 -1.96
C ARG B 58 2.00 18.56 -1.77
N SER B 59 1.28 19.29 -0.93
CA SER B 59 -0.17 19.14 -0.79
C SER B 59 -0.76 20.53 -0.90
N GLY B 60 -1.30 20.86 -2.07
CA GLY B 60 -1.71 22.23 -2.32
C GLY B 60 -0.49 23.14 -2.30
N GLU B 61 -0.59 24.24 -1.56
CA GLU B 61 0.53 25.13 -1.35
C GLU B 61 1.35 24.78 -0.12
N GLY B 62 1.08 23.62 0.50
CA GLY B 62 1.80 23.18 1.66
C GLY B 62 2.81 22.09 1.32
N ARG B 63 3.78 21.90 2.21
CA ARG B 63 4.84 20.93 2.02
C ARG B 63 4.78 19.87 3.11
N LEU B 64 4.96 18.61 2.72
CA LEU B 64 5.02 17.51 3.67
C LEU B 64 6.43 16.97 3.67
N ASP B 65 7.06 16.95 4.82
CA ASP B 65 8.45 16.50 4.94
C ASP B 65 8.51 15.08 5.46
N PRO B 66 9.44 14.25 5.00
CA PRO B 66 9.54 12.91 5.54
C PRO B 66 9.91 12.95 7.01
N TYR B 67 9.37 11.97 7.75
CA TYR B 67 9.57 11.88 9.21
C TYR B 67 10.21 10.56 9.61
N TRP B 68 9.81 9.46 9.01
CA TRP B 68 10.37 8.14 9.31
C TRP B 68 10.34 7.33 8.03
N GLY B 69 11.33 6.49 7.81
CA GLY B 69 11.25 5.56 6.71
C GLY B 69 12.27 4.45 6.83
N ASP B 70 12.03 3.39 6.06
CA ASP B 70 12.86 2.20 6.11
C ASP B 70 12.76 1.47 4.78
N VAL B 71 13.86 1.41 4.04
CA VAL B 71 13.89 0.73 2.74
C VAL B 71 13.49 -0.73 2.85
N LYS B 72 13.94 -1.43 3.90
CA LYS B 72 13.70 -2.87 3.94
C LYS B 72 12.22 -3.17 4.16
N GLN B 73 11.58 -2.39 5.03
CA GLN B 73 10.13 -2.53 5.19
C GLN B 73 9.36 -1.98 4.00
N ASP B 74 10.01 -1.12 3.23
CA ASP B 74 9.47 -0.37 2.11
C ASP B 74 8.32 0.55 2.52
N LEU B 75 8.52 1.29 3.62
CA LEU B 75 7.53 2.24 4.13
C LEU B 75 8.14 3.60 4.46
N VAL B 76 7.29 4.63 4.42
CA VAL B 76 7.70 6.00 4.80
C VAL B 76 6.48 6.73 5.32
N SER B 77 6.68 7.56 6.34
CA SER B 77 5.67 8.47 6.86
C SER B 77 6.15 9.90 6.78
N TYR B 78 5.18 10.80 6.66
CA TYR B 78 5.39 12.24 6.51
C TYR B 78 4.61 12.96 7.61
N CYS B 79 5.24 13.98 8.20
CA CYS B 79 4.69 14.90 9.18
C CYS B 79 4.60 14.30 10.58
N GLY B 80 4.85 13.03 10.75
CA GLY B 80 4.82 12.41 12.06
C GLY B 80 5.09 10.94 11.93
N PRO B 81 5.10 10.24 13.07
CA PRO B 81 5.40 8.80 13.06
C PRO B 81 4.28 7.96 12.48
N TRP B 82 4.67 6.74 12.06
CA TRP B 82 3.72 5.80 11.48
C TRP B 82 2.57 5.55 12.46
N LYS B 83 1.32 5.72 11.97
CA LYS B 83 0.15 5.65 12.83
C LYS B 83 -0.68 4.38 12.66
N LEU B 84 -0.46 3.60 11.60
CA LEU B 84 -1.36 2.49 11.24
C LEU B 84 -0.88 1.24 11.97
N ASP B 85 -1.76 0.65 12.78
CA ASP B 85 -1.35 -0.49 13.58
C ASP B 85 -2.31 -1.67 13.56
N ALA B 86 -3.39 -1.62 12.79
CA ALA B 86 -4.25 -2.79 12.65
C ALA B 86 -3.52 -3.88 11.88
N ALA B 87 -3.87 -5.12 12.17
CA ALA B 87 -3.26 -6.29 11.57
C ALA B 87 -4.34 -7.23 11.05
N TRP B 88 -4.03 -7.91 9.94
CA TRP B 88 -4.91 -8.98 9.46
C TRP B 88 -5.12 -10.01 10.56
N ASP B 89 -6.36 -10.49 10.68
CA ASP B 89 -6.66 -11.50 11.70
C ASP B 89 -6.27 -12.90 11.31
N GLY B 90 -5.78 -13.12 10.09
CA GLY B 90 -5.38 -14.46 9.68
C GLY B 90 -6.51 -15.34 9.19
N LEU B 91 -7.76 -14.86 9.17
CA LEU B 91 -8.92 -15.71 8.93
C LEU B 91 -9.95 -15.12 7.99
N SER B 92 -10.10 -13.80 7.94
CA SER B 92 -11.21 -13.12 7.30
C SER B 92 -10.79 -12.47 5.99
N GLU B 93 -11.78 -12.28 5.12
CA GLU B 93 -11.50 -11.51 3.91
C GLU B 93 -11.22 -10.06 4.26
N VAL B 94 -10.49 -9.42 3.35
CA VAL B 94 -10.11 -8.02 3.46
C VAL B 94 -10.52 -7.31 2.17
N GLN B 95 -10.30 -6.00 2.12
CA GLN B 95 -10.58 -5.23 0.91
C GLN B 95 -9.36 -4.39 0.56
N LEU B 96 -8.92 -4.50 -0.68
CA LEU B 96 -7.98 -3.55 -1.26
C LEU B 96 -8.77 -2.35 -1.78
N LEU B 97 -8.40 -1.16 -1.32
CA LEU B 97 -8.99 0.07 -1.88
C LEU B 97 -7.97 0.49 -2.93
N ALA B 98 -8.11 -0.12 -4.10
CA ALA B 98 -7.23 0.18 -5.21
C ALA B 98 -7.54 1.55 -5.77
N VAL B 99 -6.50 2.33 -5.98
CA VAL B 99 -6.60 3.65 -6.62
C VAL B 99 -5.69 3.60 -7.84
N PRO B 100 -6.14 3.07 -8.98
CA PRO B 100 -5.25 2.90 -10.14
C PRO B 100 -5.03 4.22 -10.85
N PRO B 101 -3.90 4.37 -11.55
CA PRO B 101 -3.68 5.60 -12.32
C PRO B 101 -4.83 5.97 -13.25
N GLY B 102 -5.39 7.16 -13.10
CA GLY B 102 -6.42 7.63 -14.01
C GLY B 102 -7.79 7.05 -13.76
N GLU B 103 -7.96 6.25 -12.72
CA GLU B 103 -9.20 5.51 -12.51
C GLU B 103 -9.74 5.76 -11.11
N ARG B 104 -11.06 5.67 -11.00
CA ARG B 104 -11.72 5.88 -9.73
C ARG B 104 -11.27 4.84 -8.71
N ALA B 105 -11.27 5.25 -7.45
CA ALA B 105 -10.97 4.31 -6.36
C ALA B 105 -12.04 3.22 -6.33
N LYS B 106 -11.62 1.98 -6.07
CA LYS B 106 -12.58 0.89 -6.05
C LYS B 106 -12.11 -0.14 -5.05
N ASN B 107 -13.07 -0.70 -4.31
CA ASN B 107 -12.80 -1.74 -3.34
C ASN B 107 -12.89 -3.12 -3.98
N ILE B 108 -11.91 -3.97 -3.64
CA ILE B 108 -11.84 -5.34 -4.12
C ILE B 108 -11.70 -6.21 -2.90
N GLN B 109 -12.63 -7.17 -2.72
CA GLN B 109 -12.63 -8.03 -1.53
C GLN B 109 -11.93 -9.34 -1.89
N THR B 110 -11.15 -9.87 -0.95
CA THR B 110 -10.35 -11.05 -1.22
C THR B 110 -9.94 -11.71 0.09
N LEU B 111 -9.69 -13.03 0.03
CA LEU B 111 -9.12 -13.75 1.17
C LEU B 111 -7.61 -13.81 0.99
N PRO B 112 -6.83 -13.18 1.88
CA PRO B 112 -5.38 -13.19 1.70
C PRO B 112 -4.82 -14.60 1.75
N GLY B 113 -3.76 -14.79 0.99
CA GLY B 113 -2.81 -15.86 1.22
C GLY B 113 -1.78 -15.45 2.24
N ILE B 114 -0.63 -16.13 2.21
CA ILE B 114 0.40 -15.97 3.24
C ILE B 114 1.78 -15.99 2.59
N PHE B 115 2.61 -15.00 2.93
CA PHE B 115 4.05 -15.08 2.70
C PHE B 115 4.66 -15.74 3.94
N LYS B 116 5.37 -16.85 3.77
CA LYS B 116 6.09 -17.52 4.85
C LYS B 116 7.56 -17.12 4.73
N THR B 117 8.10 -16.49 5.77
CA THR B 117 9.52 -16.13 5.81
C THR B 117 10.20 -16.72 7.03
N LYS B 118 11.54 -16.68 7.00
CA LYS B 118 12.33 -17.15 8.13
C LYS B 118 12.01 -16.39 9.41
N ASP B 119 11.42 -15.21 9.29
CA ASP B 119 11.12 -14.36 10.42
C ASP B 119 9.63 -14.32 10.75
N GLY B 120 8.83 -15.22 10.17
CA GLY B 120 7.43 -15.30 10.44
C GLY B 120 6.58 -15.11 9.19
N ASP B 121 5.27 -15.13 9.41
CA ASP B 121 4.26 -15.13 8.36
C ASP B 121 3.67 -13.74 8.16
N ILE B 122 3.38 -13.40 6.90
CA ILE B 122 2.79 -12.14 6.50
C ILE B 122 1.59 -12.43 5.60
N GLY B 123 0.48 -11.73 5.79
CA GLY B 123 -0.61 -11.84 4.84
C GLY B 123 -0.21 -11.31 3.48
N ALA B 124 -0.87 -11.79 2.43
CA ALA B 124 -0.55 -11.39 1.05
C ALA B 124 -1.80 -11.42 0.20
N VAL B 125 -1.94 -10.45 -0.71
CA VAL B 125 -3.13 -10.40 -1.55
C VAL B 125 -2.77 -10.63 -3.01
N ALA B 126 -3.49 -11.56 -3.64
CA ALA B 126 -3.21 -11.98 -5.01
C ALA B 126 -4.08 -11.18 -5.97
N LEU B 127 -3.72 -9.90 -6.12
CA LEU B 127 -4.42 -8.91 -6.93
C LEU B 127 -3.38 -8.11 -7.70
N ASP B 128 -3.63 -7.87 -9.00
CA ASP B 128 -2.61 -7.31 -9.89
C ASP B 128 -3.09 -5.98 -10.46
N TYR B 129 -2.40 -4.90 -10.09
CA TYR B 129 -2.67 -3.55 -10.55
C TYR B 129 -1.40 -2.90 -11.03
N PRO B 130 -1.50 -1.83 -11.83
CA PRO B 130 -0.29 -1.11 -12.28
C PRO B 130 0.56 -0.65 -11.11
N ALA B 131 1.86 -0.52 -11.37
CA ALA B 131 2.82 -0.11 -10.33
C ALA B 131 2.41 1.16 -9.62
N GLY B 132 1.76 2.09 -10.33
CA GLY B 132 1.31 3.35 -9.77
C GLY B 132 0.21 3.21 -8.73
N THR B 133 -0.30 2.01 -8.53
CA THR B 133 -1.28 1.72 -7.50
C THR B 133 -0.61 1.42 -6.17
N SER B 134 0.72 1.28 -6.14
CA SER B 134 1.45 1.04 -4.90
C SER B 134 1.12 2.08 -3.84
N GLY B 135 0.93 1.60 -2.61
CA GLY B 135 0.53 2.43 -1.49
C GLY B 135 -0.97 2.42 -1.23
N SER B 136 -1.73 1.78 -2.08
CA SER B 136 -3.16 1.65 -1.83
C SER B 136 -3.39 0.86 -0.54
N PRO B 137 -4.35 1.27 0.30
CA PRO B 137 -4.55 0.57 1.58
C PRO B 137 -5.37 -0.70 1.43
N ILE B 138 -5.03 -1.65 2.29
CA ILE B 138 -5.78 -2.88 2.50
C ILE B 138 -6.47 -2.73 3.84
N LEU B 139 -7.76 -3.07 3.89
CA LEU B 139 -8.64 -2.77 5.02
C LEU B 139 -9.25 -4.03 5.60
N ASP B 140 -9.51 -4.00 6.90
CA ASP B 140 -10.31 -5.06 7.52
C ASP B 140 -11.77 -4.61 7.55
N LYS B 141 -12.66 -5.46 8.12
CA LYS B 141 -14.10 -5.19 8.05
C LYS B 141 -14.52 -3.95 8.82
N SER B 142 -13.72 -3.52 9.81
CA SER B 142 -13.96 -2.28 10.54
C SER B 142 -13.47 -1.04 9.81
N GLY B 143 -12.88 -1.19 8.62
CA GLY B 143 -12.36 -0.06 7.89
C GLY B 143 -10.97 0.37 8.28
N ARG B 144 -10.31 -0.37 9.14
CA ARG B 144 -8.97 -0.02 9.58
C ARG B 144 -7.97 -0.48 8.54
N VAL B 145 -6.91 0.31 8.36
CA VAL B 145 -5.86 -0.04 7.41
C VAL B 145 -4.92 -1.05 8.04
N ILE B 146 -4.86 -2.26 7.47
CA ILE B 146 -4.00 -3.34 7.97
C ILE B 146 -2.68 -3.43 7.22
N GLY B 147 -2.47 -2.56 6.24
CA GLY B 147 -1.23 -2.53 5.51
C GLY B 147 -1.45 -1.88 4.18
N LEU B 148 -0.34 -1.74 3.45
CA LEU B 148 -0.32 -1.11 2.14
C LEU B 148 0.07 -2.11 1.05
N TYR B 149 -0.48 -1.89 -0.14
CA TYR B 149 -0.32 -2.79 -1.28
C TYR B 149 0.84 -2.33 -2.16
N GLY B 150 1.64 -3.29 -2.65
CA GLY B 150 2.61 -2.93 -3.67
C GLY B 150 4.05 -3.36 -3.51
N ASN B 151 4.37 -4.13 -2.46
CA ASN B 151 5.67 -4.79 -2.35
C ASN B 151 5.42 -6.29 -2.31
N GLY B 152 5.86 -6.99 -3.33
CA GLY B 152 5.48 -8.37 -3.53
C GLY B 152 6.38 -9.12 -4.48
N VAL B 153 5.82 -10.16 -5.09
CA VAL B 153 6.61 -11.10 -5.86
C VAL B 153 5.75 -11.60 -7.00
N VAL B 154 6.42 -12.08 -8.04
CA VAL B 154 5.75 -12.71 -9.17
C VAL B 154 5.92 -14.20 -9.03
N ILE B 155 4.82 -14.95 -9.11
CA ILE B 155 4.85 -16.37 -8.80
C ILE B 155 4.97 -17.20 -10.07
N LYS B 156 5.06 -18.53 -9.90
CA LYS B 156 5.50 -19.41 -10.99
C LYS B 156 4.70 -19.16 -12.27
N ASN B 157 3.41 -18.86 -12.16
CA ASN B 157 2.57 -18.70 -13.34
C ASN B 157 2.59 -17.28 -13.91
N GLY B 158 3.39 -16.37 -13.34
CA GLY B 158 3.53 -15.05 -13.89
C GLY B 158 2.63 -13.97 -13.31
N SER B 159 1.74 -14.32 -12.37
CA SER B 159 0.89 -13.31 -11.76
C SER B 159 1.57 -12.70 -10.52
N TYR B 160 0.97 -11.63 -10.03
CA TYR B 160 1.55 -10.80 -8.99
C TYR B 160 0.82 -11.02 -7.66
N VAL B 161 1.61 -11.11 -6.57
CA VAL B 161 1.08 -11.23 -5.22
C VAL B 161 1.78 -10.22 -4.36
N SER B 162 1.01 -9.38 -3.68
CA SER B 162 1.56 -8.33 -2.81
C SER B 162 1.51 -8.75 -1.35
N ALA B 163 2.61 -8.49 -0.63
CA ALA B 163 2.50 -8.51 0.82
C ALA B 163 1.48 -7.48 1.29
N ILE B 164 0.84 -7.77 2.43
CA ILE B 164 0.14 -6.76 3.23
C ILE B 164 1.21 -6.15 4.13
N THR B 165 1.74 -4.98 3.75
CA THR B 165 2.91 -4.42 4.42
C THR B 165 2.41 -3.44 5.46
N GLN B 166 2.70 -3.71 6.73
CA GLN B 166 2.29 -2.85 7.84
C GLN B 166 3.52 -2.39 8.62
N GLY B 167 3.48 -1.15 9.10
CA GLY B 167 4.54 -0.62 9.93
C GLY B 167 4.30 -0.88 11.41
N LYS B 168 5.11 -0.23 12.23
CA LYS B 168 4.96 -0.27 13.68
C LYS B 168 4.53 1.10 14.21
N ARG B 169 3.60 1.08 15.16
CA ARG B 169 3.18 2.31 15.83
C ARG B 169 3.62 2.30 17.30
#